data_4BFC
#
_entry.id   4BFC
#
_cell.length_a   110.370
_cell.length_b   110.370
_cell.length_c   70.340
_cell.angle_alpha   90.00
_cell.angle_beta   90.00
_cell.angle_gamma   120.00
#
_symmetry.space_group_name_H-M   'H 3'
#
loop_
_entity.id
_entity.type
_entity.pdbx_description
1 polymer '3-DEOXY-D-MANNO-OCTULOSONIC-ACID TRANSFERASE'
2 non-polymer 'SULFATE ION'
3 non-polymer BETA-MERCAPTOETHANOL
4 water water
#
_entity_poly.entity_id   1
_entity_poly.type   'polypeptide(L)'
_entity_poly.pdbx_seq_one_letter_code
;MGHHHHHHHHHHSSGHIDDDDKHMAFIKQAAQLHQQWYLENRQVVTIASTHAPEEQQILEALAPYLNSDRKLVCIVVPRH
PERFDEVFEICQNLNLITHRRSMGQSIHASTQVYLADSMGELWLWYALSQVCFVGGSLNEPGGGHNILEPMVLNVPTVVG
PRYFNFQTIVDEFIDENAVLIAQDAQQVVDIWLACLAEPEATEQLVAQAHKVLQRNQGSLQKHIGVINRYLAEKS
;
_entity_poly.pdbx_strand_id   A
#
loop_
_chem_comp.id
_chem_comp.type
_chem_comp.name
_chem_comp.formula
BME non-polymer BETA-MERCAPTOETHANOL 'C2 H6 O S'
SO4 non-polymer 'SULFATE ION' 'O4 S -2'
#
# COMPACT_ATOMS: atom_id res chain seq x y z
N HIS A 23 -8.66 -8.41 -14.91
CA HIS A 23 -8.91 -7.89 -13.54
C HIS A 23 -9.13 -9.03 -12.57
N MET A 24 -10.10 -9.90 -12.90
CA MET A 24 -10.43 -11.07 -12.08
C MET A 24 -9.32 -12.12 -12.12
N ALA A 25 -8.57 -12.14 -13.23
CA ALA A 25 -7.37 -12.97 -13.38
C ALA A 25 -6.34 -12.63 -12.31
N PHE A 26 -6.27 -11.34 -11.94
CA PHE A 26 -5.34 -10.84 -10.92
C PHE A 26 -5.73 -11.31 -9.53
N ILE A 27 -7.04 -11.34 -9.28
CA ILE A 27 -7.61 -11.87 -8.04
C ILE A 27 -7.20 -13.34 -7.79
N LYS A 28 -7.28 -14.20 -8.81
CA LYS A 28 -6.89 -15.60 -8.65
C LYS A 28 -5.36 -15.81 -8.67
N GLN A 29 -4.64 -14.97 -9.38
CA GLN A 29 -3.20 -15.03 -9.29
C GLN A 29 -2.77 -14.66 -7.85
N ALA A 30 -3.45 -13.67 -7.26
CA ALA A 30 -3.19 -13.26 -5.87
C ALA A 30 -3.39 -14.41 -4.88
N ALA A 31 -4.44 -15.20 -5.10
CA ALA A 31 -4.66 -16.41 -4.30
C ALA A 31 -3.52 -17.44 -4.45
N GLN A 32 -2.98 -17.61 -5.65
CA GLN A 32 -1.84 -18.52 -5.88
C GLN A 32 -0.59 -18.03 -5.15
N LEU A 33 -0.35 -16.71 -5.21
CA LEU A 33 0.85 -16.15 -4.63
C LEU A 33 0.74 -16.07 -3.09
N HIS A 34 -0.44 -15.79 -2.60
CA HIS A 34 -0.69 -15.78 -1.15
C HIS A 34 -0.27 -17.10 -0.55
N GLN A 35 -0.60 -18.17 -1.28
CA GLN A 35 -0.19 -19.52 -0.86
C GLN A 35 1.31 -19.82 -1.03
N GLN A 36 1.87 -19.57 -2.22
CA GLN A 36 3.29 -19.88 -2.48
C GLN A 36 4.29 -19.04 -1.73
N TRP A 37 3.87 -17.84 -1.32
CA TRP A 37 4.75 -16.96 -0.62
C TRP A 37 4.45 -16.98 0.87
N TYR A 38 3.55 -17.89 1.31
CA TYR A 38 3.21 -18.07 2.72
C TYR A 38 2.83 -16.71 3.39
N LEU A 39 1.97 -15.94 2.73
CA LEU A 39 1.61 -14.62 3.26
C LEU A 39 0.59 -14.66 4.39
N GLU A 40 0.08 -15.85 4.73
CA GLU A 40 -0.93 -16.02 5.79
C GLU A 40 -0.42 -15.41 7.12
N ASN A 41 0.88 -15.55 7.39
CA ASN A 41 1.42 -14.95 8.62
CA ASN A 41 1.45 -14.99 8.60
C ASN A 41 2.32 -13.74 8.36
N ARG A 42 2.02 -12.99 7.29
CA ARG A 42 2.68 -11.73 7.08
C ARG A 42 1.56 -10.68 7.14
N GLN A 43 1.94 -9.48 7.53
CA GLN A 43 1.04 -8.31 7.40
CA GLN A 43 1.09 -8.29 7.43
C GLN A 43 1.58 -7.46 6.24
N VAL A 44 0.79 -7.45 5.15
CA VAL A 44 1.24 -6.78 3.91
C VAL A 44 0.67 -5.36 3.84
N VAL A 45 1.59 -4.39 3.82
CA VAL A 45 1.22 -2.96 3.71
C VAL A 45 1.73 -2.47 2.35
N THR A 46 0.91 -1.71 1.65
CA THR A 46 1.33 -1.36 0.26
C THR A 46 1.34 0.15 0.03
N ILE A 47 2.39 0.70 -0.56
CA ILE A 47 2.37 2.07 -1.00
C ILE A 47 2.30 2.03 -2.54
N ALA A 48 1.23 2.60 -3.04
CA ALA A 48 0.82 2.38 -4.46
C ALA A 48 0.81 3.67 -5.21
N SER A 49 1.27 3.60 -6.46
CA SER A 49 1.32 4.81 -7.31
C SER A 49 2.08 5.98 -6.68
N THR A 50 3.24 5.69 -6.12
CA THR A 50 4.02 6.65 -5.37
C THR A 50 4.85 7.53 -6.29
N HIS A 51 5.11 8.73 -5.80
CA HIS A 51 6.04 9.74 -6.34
C HIS A 51 7.06 10.13 -5.31
N ALA A 52 8.20 10.70 -5.74
CA ALA A 52 9.21 11.25 -4.81
C ALA A 52 8.52 12.43 -4.09
N PRO A 53 8.73 12.57 -2.78
CA PRO A 53 9.64 11.87 -1.84
C PRO A 53 8.85 10.86 -0.98
N GLU A 54 7.73 10.41 -1.48
CA GLU A 54 6.80 9.53 -0.69
C GLU A 54 7.46 8.19 -0.29
N GLU A 55 8.19 7.52 -1.22
CA GLU A 55 8.87 6.27 -0.88
C GLU A 55 9.89 6.49 0.25
N GLN A 56 10.79 7.48 0.07
CA GLN A 56 11.76 7.82 1.10
C GLN A 56 11.04 8.06 2.45
N GLN A 57 10.02 8.96 2.44
CA GLN A 57 9.39 9.40 3.70
C GLN A 57 8.64 8.32 4.41
N ILE A 58 7.83 7.55 3.69
CA ILE A 58 7.06 6.46 4.30
C ILE A 58 7.99 5.29 4.71
N LEU A 59 8.90 4.84 3.83
CA LEU A 59 9.82 3.76 4.22
C LEU A 59 10.68 4.15 5.43
N GLU A 60 11.08 5.41 5.54
CA GLU A 60 11.89 5.89 6.72
C GLU A 60 11.10 5.75 8.01
N ALA A 61 9.83 6.14 7.96
CA ALA A 61 8.88 6.10 9.10
C ALA A 61 8.60 4.63 9.47
N LEU A 62 8.55 3.76 8.46
CA LEU A 62 8.19 2.38 8.68
C LEU A 62 9.39 1.48 9.06
N ALA A 63 10.61 1.86 8.71
CA ALA A 63 11.79 0.98 8.84
C ALA A 63 11.97 0.44 10.29
N PRO A 64 11.76 1.28 11.33
CA PRO A 64 11.92 0.69 12.70
C PRO A 64 10.98 -0.50 12.91
N TYR A 65 9.75 -0.41 12.42
CA TYR A 65 8.83 -1.52 12.53
C TYR A 65 9.18 -2.73 11.68
N LEU A 66 9.66 -2.48 10.43
CA LEU A 66 10.06 -3.59 9.56
C LEU A 66 11.26 -4.34 10.18
N ASN A 67 12.14 -3.60 10.86
CA ASN A 67 13.31 -4.22 11.58
C ASN A 67 12.87 -4.99 12.84
N SER A 68 11.92 -4.43 13.59
CA SER A 68 11.50 -5.08 14.85
C SER A 68 10.45 -6.19 14.74
N ASP A 69 9.61 -6.12 13.70
CA ASP A 69 8.52 -7.02 13.49
C ASP A 69 8.65 -7.58 12.09
N ARG A 70 9.28 -8.76 11.96
CA ARG A 70 9.55 -9.47 10.69
CA ARG A 70 9.55 -9.31 10.64
C ARG A 70 8.30 -9.97 9.99
N LYS A 71 7.16 -9.88 10.67
CA LYS A 71 5.90 -10.27 10.05
C LYS A 71 5.52 -9.22 8.97
N LEU A 72 5.90 -7.98 9.21
CA LEU A 72 5.41 -6.88 8.31
C LEU A 72 6.20 -7.00 7.00
N VAL A 73 5.60 -6.58 5.89
CA VAL A 73 6.40 -6.43 4.65
C VAL A 73 5.66 -5.35 3.92
N CYS A 74 6.45 -4.47 3.31
CA CYS A 74 5.85 -3.35 2.50
C CYS A 74 6.05 -3.61 1.02
N ILE A 75 4.94 -3.64 0.29
CA ILE A 75 5.00 -3.66 -1.19
C ILE A 75 5.08 -2.20 -1.68
N VAL A 76 6.01 -1.88 -2.60
CA VAL A 76 6.16 -0.49 -3.13
C VAL A 76 5.92 -0.52 -4.65
N VAL A 77 4.96 0.29 -5.11
CA VAL A 77 4.58 0.29 -6.53
C VAL A 77 4.75 1.74 -7.05
N PRO A 78 5.93 2.13 -7.48
CA PRO A 78 6.12 3.54 -7.91
C PRO A 78 5.26 3.83 -9.18
N ARG A 79 4.72 5.05 -9.27
CA ARG A 79 3.83 5.41 -10.38
C ARG A 79 4.53 5.35 -11.73
N HIS A 80 5.78 5.81 -11.75
CA HIS A 80 6.51 5.95 -12.98
C HIS A 80 7.56 4.90 -13.16
N PRO A 81 7.41 4.04 -14.21
CA PRO A 81 8.46 2.99 -14.38
C PRO A 81 9.93 3.43 -14.49
N GLU A 82 10.18 4.66 -15.01
CA GLU A 82 11.54 5.11 -15.18
C GLU A 82 12.21 5.25 -13.79
N ARG A 83 11.38 5.34 -12.74
CA ARG A 83 11.86 5.49 -11.38
C ARG A 83 12.08 4.18 -10.64
N PHE A 84 11.73 3.02 -11.21
CA PHE A 84 11.97 1.76 -10.47
C PHE A 84 13.37 1.61 -9.91
N ASP A 85 14.46 1.79 -10.71
CA ASP A 85 15.80 1.65 -10.16
C ASP A 85 16.10 2.70 -9.07
N GLU A 86 15.57 3.91 -9.22
CA GLU A 86 15.69 4.98 -8.20
C GLU A 86 15.13 4.53 -6.86
N VAL A 87 13.94 3.96 -6.89
CA VAL A 87 13.30 3.49 -5.66
C VAL A 87 14.06 2.29 -5.07
N PHE A 88 14.58 1.35 -5.91
CA PHE A 88 15.44 0.31 -5.40
C PHE A 88 16.58 0.96 -4.58
N GLU A 89 17.24 1.98 -5.13
CA GLU A 89 18.31 2.67 -4.39
C GLU A 89 17.89 3.29 -3.06
N ILE A 90 16.69 3.86 -3.01
CA ILE A 90 16.08 4.40 -1.78
C ILE A 90 16.00 3.29 -0.74
N CYS A 91 15.50 2.12 -1.16
CA CYS A 91 15.31 0.95 -0.26
C CYS A 91 16.66 0.46 0.26
N GLN A 92 17.60 0.30 -0.68
CA GLN A 92 18.97 -0.12 -0.35
C GLN A 92 19.66 0.76 0.64
N ASN A 93 19.51 2.07 0.50
CA ASN A 93 20.12 3.05 1.42
C ASN A 93 19.52 3.07 2.79
N LEU A 94 18.28 2.59 2.89
CA LEU A 94 17.61 2.51 4.15
C LEU A 94 17.97 1.20 4.83
N ASN A 95 18.87 0.43 4.22
CA ASN A 95 19.26 -0.92 4.71
C ASN A 95 18.12 -1.91 4.94
N LEU A 96 17.16 -1.95 4.01
CA LEU A 96 16.03 -2.81 4.15
C LEU A 96 16.23 -3.92 3.15
N ILE A 97 15.94 -5.15 3.52
CA ILE A 97 16.05 -6.29 2.62
C ILE A 97 14.96 -6.16 1.55
N THR A 98 15.36 -6.04 0.28
CA THR A 98 14.43 -5.69 -0.83
C THR A 98 14.55 -6.67 -2.00
N HIS A 99 13.43 -7.27 -2.36
CA HIS A 99 13.30 -8.18 -3.50
C HIS A 99 12.46 -7.54 -4.56
N ARG A 100 12.72 -7.93 -5.80
CA ARG A 100 12.16 -7.22 -7.00
C ARG A 100 11.35 -8.10 -7.93
N ARG A 101 10.12 -7.70 -8.24
CA ARG A 101 9.29 -8.41 -9.18
C ARG A 101 10.05 -8.52 -10.53
N SER A 102 10.76 -7.46 -10.91
CA SER A 102 11.44 -7.49 -12.25
C SER A 102 12.49 -8.55 -12.39
N MET A 103 12.98 -9.05 -11.25
CA MET A 103 13.99 -10.13 -11.24
CA MET A 103 14.01 -10.11 -11.20
C MET A 103 13.38 -11.50 -10.97
N GLY A 104 12.06 -11.58 -11.09
CA GLY A 104 11.26 -12.79 -10.82
C GLY A 104 11.40 -13.21 -9.37
N GLN A 105 11.66 -12.24 -8.50
CA GLN A 105 11.73 -12.59 -7.06
C GLN A 105 10.35 -12.60 -6.42
N SER A 106 10.34 -13.25 -5.25
CA SER A 106 9.15 -13.39 -4.43
C SER A 106 9.34 -12.68 -3.05
N ILE A 107 8.29 -12.70 -2.23
CA ILE A 107 8.47 -12.23 -0.86
C ILE A 107 9.02 -13.40 0.00
N HIS A 108 10.25 -13.24 0.50
CA HIS A 108 10.88 -14.30 1.34
C HIS A 108 10.40 -14.05 2.76
N ALA A 109 10.46 -15.02 3.69
CA ALA A 109 10.48 -14.64 5.11
C ALA A 109 11.37 -13.39 5.40
N SER A 110 12.55 -13.24 4.77
CA SER A 110 13.48 -12.17 5.05
C SER A 110 13.14 -10.82 4.43
N THR A 111 12.20 -10.86 3.51
CA THR A 111 11.91 -9.65 2.74
C THR A 111 11.20 -8.63 3.58
N GLN A 112 11.72 -7.43 3.51
CA GLN A 112 11.17 -6.30 4.29
C GLN A 112 10.40 -5.41 3.32
N VAL A 113 10.95 -5.27 2.11
CA VAL A 113 10.25 -4.44 1.08
C VAL A 113 10.21 -5.28 -0.19
N TYR A 114 9.05 -5.38 -0.81
CA TYR A 114 8.97 -5.96 -2.10
C TYR A 114 8.74 -4.84 -3.09
N LEU A 115 9.76 -4.60 -3.92
CA LEU A 115 9.59 -3.59 -5.00
C LEU A 115 8.87 -4.23 -6.18
N ALA A 116 7.62 -3.81 -6.38
CA ALA A 116 6.79 -4.32 -7.45
C ALA A 116 7.02 -3.52 -8.75
N ASP A 117 8.21 -3.70 -9.29
CA ASP A 117 8.75 -2.93 -10.43
C ASP A 117 8.38 -3.63 -11.74
N SER A 118 7.09 -3.62 -12.03
CA SER A 118 6.56 -4.20 -13.26
C SER A 118 5.39 -3.36 -13.77
N MET A 119 4.91 -3.62 -14.99
CA MET A 119 3.84 -2.80 -15.52
C MET A 119 2.53 -3.59 -15.51
N GLY A 120 1.43 -2.96 -15.09
CA GLY A 120 0.11 -3.50 -15.28
C GLY A 120 -0.41 -4.42 -14.17
N GLU A 121 0.29 -4.45 -13.04
CA GLU A 121 -0.04 -5.42 -12.01
C GLU A 121 -0.50 -4.82 -10.68
N LEU A 122 -0.79 -3.51 -10.67
CA LEU A 122 -1.32 -2.86 -9.47
C LEU A 122 -2.47 -3.63 -8.76
N TRP A 123 -3.45 -4.20 -9.51
CA TRP A 123 -4.54 -4.98 -8.95
C TRP A 123 -4.06 -6.19 -8.18
N LEU A 124 -3.03 -6.86 -8.70
CA LEU A 124 -2.49 -8.00 -7.97
C LEU A 124 -2.03 -7.58 -6.56
N TRP A 125 -1.24 -6.49 -6.49
CA TRP A 125 -0.67 -6.02 -5.20
C TRP A 125 -1.77 -5.59 -4.27
N TYR A 126 -2.70 -4.75 -4.74
CA TYR A 126 -3.86 -4.45 -3.83
C TYR A 126 -4.59 -5.72 -3.33
N ALA A 127 -4.74 -6.73 -4.20
CA ALA A 127 -5.44 -7.96 -3.78
C ALA A 127 -4.63 -8.74 -2.70
N LEU A 128 -3.35 -8.44 -2.57
CA LEU A 128 -2.49 -9.07 -1.56
C LEU A 128 -2.35 -8.24 -0.27
N SER A 129 -2.94 -7.02 -0.27
CA SER A 129 -2.62 -6.08 0.79
C SER A 129 -3.64 -6.17 1.97
N GLN A 130 -3.12 -5.93 3.19
CA GLN A 130 -3.95 -5.73 4.39
CA GLN A 130 -3.98 -5.74 4.34
C GLN A 130 -4.39 -4.28 4.51
N VAL A 131 -3.48 -3.36 4.17
CA VAL A 131 -3.81 -1.94 4.15
C VAL A 131 -2.98 -1.34 3.01
N CYS A 132 -3.40 -0.17 2.59
CA CYS A 132 -2.63 0.52 1.58
C CYS A 132 -2.64 2.04 1.75
N PHE A 133 -1.71 2.66 1.05
CA PHE A 133 -1.64 4.10 0.86
C PHE A 133 -1.55 4.38 -0.67
N VAL A 134 -2.41 5.28 -1.14
CA VAL A 134 -2.44 5.70 -2.56
C VAL A 134 -1.72 7.02 -2.69
N GLY A 135 -0.63 6.95 -3.45
CA GLY A 135 0.35 8.05 -3.56
C GLY A 135 0.01 9.18 -4.55
N GLY A 136 1.04 9.94 -4.86
CA GLY A 136 0.74 11.19 -5.56
C GLY A 136 0.04 12.21 -4.66
N SER A 137 0.05 11.97 -3.33
CA SER A 137 -0.87 12.70 -2.44
C SER A 137 -0.15 13.32 -1.22
N LEU A 138 1.09 12.88 -0.95
CA LEU A 138 2.02 13.55 0.01
C LEU A 138 3.03 14.47 -0.65
N ASN A 139 3.41 14.23 -1.94
CA ASN A 139 4.24 15.15 -2.63
C ASN A 139 3.57 16.50 -2.90
N GLU A 140 4.42 17.45 -3.34
CA GLU A 140 3.94 18.80 -3.72
C GLU A 140 4.24 18.98 -5.19
N PRO A 141 3.27 19.50 -5.93
CA PRO A 141 2.00 19.93 -5.39
C PRO A 141 1.03 18.76 -5.16
N GLY A 142 1.44 17.53 -5.54
CA GLY A 142 0.55 16.37 -5.45
C GLY A 142 -0.62 16.37 -6.42
N GLY A 143 -1.73 15.80 -5.95
CA GLY A 143 -2.97 15.70 -6.75
C GLY A 143 -3.70 14.38 -6.64
N GLY A 144 -2.95 13.29 -6.39
CA GLY A 144 -3.56 12.03 -6.00
C GLY A 144 -3.79 11.10 -7.18
N HIS A 145 -4.10 9.86 -6.85
CA HIS A 145 -4.48 8.80 -7.78
C HIS A 145 -5.72 8.10 -7.38
N ASN A 146 -6.21 7.22 -8.26
CA ASN A 146 -7.55 6.64 -8.10
C ASN A 146 -7.67 5.68 -6.94
N ILE A 147 -8.39 6.11 -5.92
CA ILE A 147 -8.63 5.21 -4.76
C ILE A 147 -9.71 4.16 -4.96
N LEU A 148 -10.45 4.16 -6.09
CA LEU A 148 -11.56 3.20 -6.25
C LEU A 148 -11.09 1.77 -6.34
N GLU A 149 -9.88 1.58 -6.92
CA GLU A 149 -9.36 0.24 -7.12
C GLU A 149 -9.14 -0.51 -5.77
N PRO A 150 -8.36 0.08 -4.81
CA PRO A 150 -8.30 -0.63 -3.51
C PRO A 150 -9.61 -0.76 -2.76
N MET A 151 -10.54 0.20 -2.93
CA MET A 151 -11.83 0.20 -2.25
CA MET A 151 -11.75 0.09 -2.15
C MET A 151 -12.65 -1.01 -2.70
N VAL A 152 -12.60 -1.24 -4.00
CA VAL A 152 -13.38 -2.32 -4.61
C VAL A 152 -12.82 -3.67 -4.14
N LEU A 153 -11.52 -3.71 -3.88
CA LEU A 153 -10.88 -4.95 -3.39
C LEU A 153 -10.85 -5.09 -1.88
N ASN A 154 -11.62 -4.25 -1.20
CA ASN A 154 -11.82 -4.33 0.23
C ASN A 154 -10.58 -4.04 1.08
N VAL A 155 -9.68 -3.20 0.54
CA VAL A 155 -8.47 -2.81 1.23
C VAL A 155 -8.68 -1.48 1.94
N PRO A 156 -8.48 -1.44 3.27
CA PRO A 156 -8.44 -0.14 3.94
C PRO A 156 -7.41 0.83 3.33
N THR A 157 -7.85 2.06 3.01
CA THR A 157 -7.06 2.98 2.14
C THR A 157 -6.73 4.31 2.80
N VAL A 158 -5.48 4.68 2.78
CA VAL A 158 -5.01 5.99 3.25
C VAL A 158 -4.56 6.84 2.09
N VAL A 159 -4.91 8.12 2.09
CA VAL A 159 -4.32 9.11 1.18
C VAL A 159 -3.76 10.28 1.95
N GLY A 160 -2.78 10.98 1.36
CA GLY A 160 -2.30 12.24 1.84
C GLY A 160 -3.32 13.34 1.54
N PRO A 161 -2.97 14.59 1.94
CA PRO A 161 -3.96 15.68 1.89
C PRO A 161 -4.11 16.27 0.50
N ARG A 162 -3.08 16.03 -0.36
CA ARG A 162 -3.11 16.60 -1.75
C ARG A 162 -3.72 15.62 -2.77
N TYR A 163 -5.04 15.57 -2.78
CA TYR A 163 -5.81 14.60 -3.58
C TYR A 163 -6.75 15.27 -4.57
N PHE A 164 -6.47 16.51 -4.89
CA PHE A 164 -7.42 17.40 -5.64
C PHE A 164 -7.77 16.93 -7.05
N ASN A 165 -6.94 16.05 -7.60
CA ASN A 165 -7.34 15.47 -8.93
C ASN A 165 -8.45 14.45 -8.83
N PHE A 166 -8.77 14.05 -7.61
CA PHE A 166 -9.80 13.07 -7.29
C PHE A 166 -10.66 13.66 -6.12
N GLN A 167 -10.76 14.98 -6.12
CA GLN A 167 -11.39 15.70 -5.01
C GLN A 167 -12.81 15.19 -4.76
N THR A 168 -13.63 15.07 -5.82
CA THR A 168 -15.02 14.66 -5.64
C THR A 168 -15.16 13.31 -4.99
N ILE A 169 -14.49 12.33 -5.61
CA ILE A 169 -14.59 10.93 -5.14
C ILE A 169 -14.00 10.78 -3.74
N VAL A 170 -12.85 11.36 -3.48
CA VAL A 170 -12.24 11.22 -2.12
C VAL A 170 -13.21 11.86 -1.09
N ASP A 171 -13.72 13.07 -1.35
CA ASP A 171 -14.75 13.65 -0.43
C ASP A 171 -15.99 12.79 -0.23
N GLU A 172 -16.47 12.10 -1.25
CA GLU A 172 -17.62 11.19 -1.05
C GLU A 172 -17.26 10.12 0.00
N PHE A 173 -16.01 9.66 -0.04
CA PHE A 173 -15.54 8.66 0.90
C PHE A 173 -15.20 9.23 2.31
N ILE A 174 -14.71 10.46 2.39
CA ILE A 174 -14.47 11.09 3.69
C ILE A 174 -15.82 11.32 4.38
N ASP A 175 -16.83 11.72 3.61
CA ASP A 175 -18.16 12.02 4.19
C ASP A 175 -18.82 10.79 4.80
N GLU A 176 -18.50 9.60 4.30
CA GLU A 176 -19.04 8.35 4.88
C GLU A 176 -18.06 7.58 5.80
N ASN A 177 -16.98 8.24 6.23
CA ASN A 177 -15.89 7.65 7.06
C ASN A 177 -15.35 6.38 6.42
N ALA A 178 -15.01 6.50 5.13
CA ALA A 178 -14.77 5.34 4.33
C ALA A 178 -13.32 5.29 3.80
N VAL A 179 -12.55 6.34 4.09
CA VAL A 179 -11.16 6.53 3.64
C VAL A 179 -10.42 7.32 4.72
N LEU A 180 -9.16 6.99 4.94
CA LEU A 180 -8.36 7.62 5.94
C LEU A 180 -7.42 8.66 5.36
N ILE A 181 -7.48 9.86 5.92
CA ILE A 181 -6.59 10.91 5.48
C ILE A 181 -5.37 11.13 6.41
N ALA A 182 -4.20 10.91 5.85
CA ALA A 182 -2.93 11.22 6.52
C ALA A 182 -2.36 12.60 6.27
N GLN A 183 -1.91 13.29 7.29
CA GLN A 183 -1.23 14.57 7.05
C GLN A 183 0.24 14.48 6.65
N ASP A 184 0.94 13.40 7.02
CA ASP A 184 2.35 13.18 6.73
C ASP A 184 2.66 11.66 6.80
N ALA A 185 3.88 11.30 6.43
CA ALA A 185 4.35 9.90 6.32
C ALA A 185 4.27 9.19 7.67
N GLN A 186 4.60 9.93 8.73
CA GLN A 186 4.42 9.36 10.10
C GLN A 186 2.97 8.96 10.38
N GLN A 187 2.02 9.82 10.01
CA GLN A 187 0.64 9.53 10.18
C GLN A 187 0.15 8.37 9.31
N VAL A 188 0.70 8.20 8.08
CA VAL A 188 0.34 7.00 7.33
C VAL A 188 0.72 5.74 8.09
N VAL A 189 1.94 5.72 8.63
CA VAL A 189 2.40 4.55 9.40
C VAL A 189 1.56 4.38 10.68
N ASP A 190 1.20 5.46 11.41
N ASP A 190 1.38 5.47 11.40
CA ASP A 190 0.31 5.36 12.64
CA ASP A 190 0.59 5.47 12.64
C ASP A 190 -0.99 4.72 12.29
C ASP A 190 -0.86 4.87 12.35
N ILE A 191 -1.56 5.25 11.23
CA ILE A 191 -2.85 4.79 10.83
C ILE A 191 -2.76 3.29 10.43
N TRP A 192 -1.75 2.91 9.66
CA TRP A 192 -1.61 1.52 9.26
C TRP A 192 -1.48 0.64 10.51
N LEU A 193 -0.61 1.02 11.44
CA LEU A 193 -0.39 0.12 12.58
C LEU A 193 -1.66 -0.04 13.41
N ALA A 194 -2.39 1.07 13.54
CA ALA A 194 -3.69 1.02 14.21
C ALA A 194 -4.67 0.12 13.48
N CYS A 195 -4.77 0.24 12.15
CA CYS A 195 -5.69 -0.64 11.40
C CYS A 195 -5.37 -2.12 11.59
N LEU A 196 -4.09 -2.41 11.62
CA LEU A 196 -3.68 -3.80 11.68
C LEU A 196 -4.01 -4.33 13.06
N ALA A 197 -4.00 -3.44 14.05
CA ALA A 197 -4.38 -3.87 15.43
C ALA A 197 -5.85 -3.86 15.71
N GLU A 198 -6.70 -3.42 14.79
CA GLU A 198 -8.12 -3.11 15.04
C GLU A 198 -9.00 -3.76 13.95
N PRO A 199 -9.15 -5.10 14.01
CA PRO A 199 -10.00 -5.84 13.07
C PRO A 199 -11.42 -5.28 13.02
N GLU A 200 -11.99 -4.89 14.17
CA GLU A 200 -13.33 -4.25 14.17
C GLU A 200 -13.43 -2.90 13.44
N ALA A 201 -12.54 -1.95 13.73
CA ALA A 201 -12.44 -0.68 13.00
C ALA A 201 -12.20 -0.88 11.50
N THR A 202 -11.26 -1.75 11.12
CA THR A 202 -11.01 -1.96 9.68
C THR A 202 -12.24 -2.62 9.02
N GLU A 203 -12.90 -3.54 9.71
CA GLU A 203 -14.14 -4.14 9.19
C GLU A 203 -15.21 -3.08 8.95
N GLN A 204 -15.40 -2.15 9.90
CA GLN A 204 -16.35 -1.02 9.73
C GLN A 204 -15.94 -0.06 8.59
N LEU A 205 -14.63 0.19 8.43
CA LEU A 205 -14.16 1.05 7.31
C LEU A 205 -14.52 0.44 5.93
N VAL A 206 -14.22 -0.86 5.78
CA VAL A 206 -14.49 -1.58 4.53
C VAL A 206 -16.00 -1.61 4.26
N ALA A 207 -16.79 -1.76 5.33
CA ALA A 207 -18.26 -1.64 5.24
C ALA A 207 -18.76 -0.28 4.71
N GLN A 208 -18.23 0.82 5.24
CA GLN A 208 -18.62 2.14 4.84
C GLN A 208 -18.21 2.40 3.40
N ALA A 209 -17.02 1.90 3.01
CA ALA A 209 -16.56 2.00 1.61
C ALA A 209 -17.51 1.32 0.65
N HIS A 210 -17.85 0.08 0.96
CA HIS A 210 -18.88 -0.65 0.19
C HIS A 210 -20.24 0.00 0.08
N LYS A 211 -20.64 0.78 1.08
CA LYS A 211 -21.84 1.61 0.98
C LYS A 211 -21.71 2.68 -0.12
N VAL A 212 -20.64 3.47 -0.04
CA VAL A 212 -20.42 4.52 -1.02
C VAL A 212 -20.35 3.87 -2.39
N LEU A 213 -19.69 2.72 -2.49
CA LEU A 213 -19.44 2.10 -3.80
C LEU A 213 -20.70 1.63 -4.46
N GLN A 214 -21.67 1.21 -3.66
CA GLN A 214 -22.90 0.65 -4.22
C GLN A 214 -23.82 1.69 -4.83
N ARG A 215 -24.09 2.76 -4.08
CA ARG A 215 -24.97 3.84 -4.57
C ARG A 215 -24.45 4.48 -5.86
S SO4 B . 1.20 11.15 -13.33
O1 SO4 B . 0.19 11.82 -14.23
O2 SO4 B . 0.81 11.46 -11.93
O3 SO4 B . 2.60 11.63 -13.48
O4 SO4 B . 1.00 9.73 -13.53
C1 BME C . -8.03 3.94 12.05
C2 BME C . -8.01 2.43 12.33
O1 BME C . -6.92 4.59 12.70
S2 BME C . -8.30 1.63 10.73
C1 BME D . -3.93 6.45 -16.69
C2 BME D . -4.48 5.23 -16.09
O1 BME D . -4.59 7.61 -16.18
S2 BME D . -3.56 4.92 -14.56
#